data_3HYK
#
_entry.id   3HYK
#
_cell.length_a   77.526
_cell.length_b   77.526
_cell.length_c   122.965
_cell.angle_alpha   90.00
_cell.angle_beta   90.00
_cell.angle_gamma   120.00
#
_symmetry.space_group_name_H-M   'P 32 2 1'
#
loop_
_entity.id
_entity.type
_entity.pdbx_description
1 polymer 'Holo-[acyl-carrier-protein] synthase'
2 non-polymer 'MAGNESIUM ION'
3 non-polymer 'CHLORIDE ION'
4 non-polymer "ADENOSINE-3'-5'-DIPHOSPHATE"
5 water water
#
_entity_poly.entity_id   1
_entity_poly.type   'polypeptide(L)'
_entity_poly.pdbx_seq_one_letter_code
;SNA(MSE)IVGIGIDIIELNRIEK(MSE)LDGKLKF(MSE)ERILTENERNVAKGLKGSRLTEFVAGRFAAKEAYSKAVG
TGIGKEVSFLDIEVRNDDRGKPILITSTEHIVHLSISHSKEFAVAQVVLESSSS
;
_entity_poly.pdbx_strand_id   A,B,C
#
loop_
_chem_comp.id
_chem_comp.type
_chem_comp.name
_chem_comp.formula
A3P RNA linking ADENOSINE-3'-5'-DIPHOSPHATE 'C10 H15 N5 O10 P2'
CL non-polymer 'CHLORIDE ION' 'Cl -1'
MG non-polymer 'MAGNESIUM ION' 'Mg 2'
#
# COMPACT_ATOMS: atom_id res chain seq x y z
N ASN A 2 10.09 19.85 11.95
CA ASN A 2 11.07 18.79 11.61
C ASN A 2 10.40 17.41 11.62
N ALA A 3 9.79 17.07 10.49
CA ALA A 3 9.05 15.80 10.32
C ALA A 3 9.72 14.58 10.96
N MSE A 4 8.90 13.76 11.61
CA MSE A 4 9.36 12.52 12.21
C MSE A 4 9.42 11.45 11.14
O MSE A 4 10.18 10.51 11.29
CB MSE A 4 8.46 12.09 13.36
CG MSE A 4 8.50 13.06 14.56
SE MSE A 4 10.31 13.25 15.36
CE MSE A 4 10.61 11.45 16.11
N ILE A 5 8.65 11.59 10.07
CA ILE A 5 8.70 10.66 8.95
C ILE A 5 9.56 11.31 7.87
N VAL A 6 10.67 10.66 7.51
CA VAL A 6 11.56 11.24 6.50
C VAL A 6 10.98 10.96 5.10
N GLY A 7 10.29 9.83 4.95
CA GLY A 7 9.69 9.50 3.65
C GLY A 7 8.96 8.18 3.68
N ILE A 8 8.13 7.96 2.67
CA ILE A 8 7.40 6.69 2.54
C ILE A 8 7.55 6.17 1.10
N GLY A 9 7.44 4.85 0.93
CA GLY A 9 7.55 4.23 -0.36
C GLY A 9 6.67 3.01 -0.50
N ILE A 10 6.11 2.82 -1.69
CA ILE A 10 5.27 1.65 -1.94
C ILE A 10 5.65 1.10 -3.32
N ASP A 11 5.44 -0.20 -3.52
CA ASP A 11 5.74 -0.79 -4.83
C ASP A 11 4.82 -1.98 -5.05
N ILE A 12 4.37 -2.14 -6.28
CA ILE A 12 3.52 -3.28 -6.65
C ILE A 12 4.20 -3.95 -7.84
N ILE A 13 4.39 -5.27 -7.75
CA ILE A 13 5.07 -6.03 -8.80
C ILE A 13 4.26 -7.25 -9.28
N GLU A 14 4.17 -7.40 -10.60
N GLU A 14 4.15 -7.40 -10.60
CA GLU A 14 3.49 -8.54 -11.19
CA GLU A 14 3.47 -8.56 -11.17
C GLU A 14 4.43 -9.74 -11.05
C GLU A 14 4.42 -9.75 -11.06
N LEU A 15 3.99 -10.77 -10.33
CA LEU A 15 4.84 -11.96 -10.12
C LEU A 15 5.30 -12.65 -11.40
N ASN A 16 4.45 -12.69 -12.43
CA ASN A 16 4.86 -13.32 -13.69
C ASN A 16 6.01 -12.59 -14.36
N ARG A 17 6.18 -11.31 -14.06
CA ARG A 17 7.30 -10.57 -14.63
C ARG A 17 8.59 -10.99 -13.93
N ILE A 18 8.55 -11.15 -12.62
CA ILE A 18 9.72 -11.65 -11.88
C ILE A 18 10.04 -13.07 -12.31
N GLU A 19 9.02 -13.89 -12.49
CA GLU A 19 9.25 -15.26 -12.89
C GLU A 19 9.95 -15.34 -14.25
N LYS A 20 9.62 -14.43 -15.16
CA LYS A 20 10.30 -14.41 -16.45
C LYS A 20 11.73 -13.98 -16.24
N MSE A 21 11.93 -12.89 -15.51
CA MSE A 21 13.28 -12.44 -15.22
C MSE A 21 14.12 -13.52 -14.56
O MSE A 21 15.33 -13.54 -14.73
CB MSE A 21 13.23 -11.20 -14.35
CG MSE A 21 12.87 -9.93 -15.13
SE MSE A 21 12.46 -8.41 -13.94
CE MSE A 21 12.83 -6.95 -15.21
N LEU A 22 13.49 -14.42 -13.81
CA LEU A 22 14.19 -15.53 -13.18
C LEU A 22 14.59 -16.54 -14.23
N ASP A 23 13.80 -16.64 -15.31
CA ASP A 23 14.13 -17.53 -16.42
C ASP A 23 14.93 -16.77 -17.46
N LYS A 27 23.18 -13.42 -13.87
CA LYS A 27 22.11 -13.99 -13.06
C LYS A 27 21.26 -12.92 -12.40
N PHE A 28 19.95 -13.03 -12.58
CA PHE A 28 19.03 -12.07 -12.02
C PHE A 28 19.09 -11.99 -10.49
N MSE A 29 19.06 -13.13 -9.83
CA MSE A 29 19.10 -13.15 -8.37
C MSE A 29 20.37 -12.59 -7.75
O MSE A 29 20.33 -11.93 -6.71
CB MSE A 29 18.89 -14.54 -7.81
CG MSE A 29 17.45 -14.86 -7.52
SE MSE A 29 17.40 -16.65 -6.82
CE MSE A 29 19.02 -16.68 -5.72
N GLU A 30 21.52 -12.87 -8.38
CA GLU A 30 22.76 -12.32 -7.86
C GLU A 30 22.74 -10.79 -7.88
N ARG A 31 21.89 -10.22 -8.73
CA ARG A 31 21.77 -8.76 -8.84
C ARG A 31 20.83 -8.18 -7.84
N ILE A 32 19.82 -8.96 -7.44
CA ILE A 32 18.78 -8.45 -6.55
C ILE A 32 18.95 -8.89 -5.12
N LEU A 33 19.43 -10.12 -4.94
CA LEU A 33 19.57 -10.70 -3.62
C LEU A 33 21.01 -10.73 -3.16
N THR A 34 21.21 -10.36 -1.89
CA THR A 34 22.53 -10.42 -1.30
C THR A 34 22.80 -11.90 -1.03
N GLU A 35 23.98 -12.20 -0.50
CA GLU A 35 24.38 -13.58 -0.32
C GLU A 35 23.53 -14.29 0.74
N ASN A 36 23.24 -13.62 1.84
CA ASN A 36 22.40 -14.22 2.87
C ASN A 36 21.05 -14.52 2.26
N GLU A 37 20.48 -13.55 1.53
CA GLU A 37 19.17 -13.74 0.90
C GLU A 37 19.15 -14.90 -0.11
N ARG A 38 20.22 -15.05 -0.90
CA ARG A 38 20.29 -16.14 -1.84
C ARG A 38 20.40 -17.48 -1.11
N ASN A 39 21.14 -17.49 0.00
CA ASN A 39 21.23 -18.71 0.80
C ASN A 39 19.83 -19.11 1.29
N VAL A 40 19.01 -18.12 1.65
CA VAL A 40 17.63 -18.37 2.07
C VAL A 40 16.81 -18.82 0.85
N ALA A 41 16.98 -18.13 -0.28
CA ALA A 41 16.27 -18.46 -1.53
C ALA A 41 16.54 -19.88 -2.02
N LYS A 42 17.74 -20.40 -1.71
CA LYS A 42 18.16 -21.75 -2.10
C LYS A 42 17.18 -22.83 -1.68
N GLY A 43 16.57 -22.67 -0.52
CA GLY A 43 15.63 -23.67 0.00
C GLY A 43 14.20 -23.51 -0.48
N LEU A 44 13.96 -22.62 -1.43
CA LEU A 44 12.60 -22.37 -1.92
C LEU A 44 12.45 -22.87 -3.36
N LYS A 45 11.22 -23.12 -3.78
CA LYS A 45 11.00 -23.57 -5.14
C LYS A 45 9.62 -23.20 -5.63
N GLY A 46 9.48 -23.10 -6.95
CA GLY A 46 8.21 -22.77 -7.58
C GLY A 46 7.73 -21.39 -7.23
N SER A 47 6.44 -21.28 -6.91
CA SER A 47 5.84 -20.00 -6.58
C SER A 47 6.46 -19.34 -5.38
N ARG A 48 6.92 -20.15 -4.43
CA ARG A 48 7.50 -19.62 -3.23
C ARG A 48 8.78 -18.82 -3.54
N LEU A 49 9.63 -19.38 -4.40
CA LEU A 49 10.84 -18.68 -4.78
C LEU A 49 10.47 -17.41 -5.52
N THR A 50 9.50 -17.50 -6.43
CA THR A 50 9.11 -16.30 -7.18
C THR A 50 8.57 -15.19 -6.30
N GLU A 51 7.65 -15.54 -5.40
CA GLU A 51 7.07 -14.53 -4.52
C GLU A 51 8.16 -13.97 -3.59
N PHE A 52 9.08 -14.82 -3.16
CA PHE A 52 10.16 -14.38 -2.27
C PHE A 52 11.06 -13.35 -2.94
N VAL A 53 11.46 -13.62 -4.17
CA VAL A 53 12.32 -12.69 -4.90
C VAL A 53 11.54 -11.41 -5.18
N ALA A 54 10.27 -11.55 -5.52
CA ALA A 54 9.41 -10.41 -5.82
C ALA A 54 9.26 -9.48 -4.61
N GLY A 55 9.05 -10.07 -3.44
CA GLY A 55 8.90 -9.32 -2.21
C GLY A 55 10.15 -8.58 -1.85
N ARG A 56 11.29 -9.21 -2.07
CA ARG A 56 12.56 -8.57 -1.80
C ARG A 56 12.78 -7.41 -2.73
N PHE A 57 12.48 -7.62 -4.00
CA PHE A 57 12.64 -6.57 -5.00
C PHE A 57 11.83 -5.35 -4.63
N ALA A 58 10.56 -5.62 -4.31
CA ALA A 58 9.58 -4.61 -3.93
C ALA A 58 9.93 -3.91 -2.61
N ALA A 59 10.42 -4.63 -1.62
CA ALA A 59 10.80 -4.02 -0.37
C ALA A 59 11.92 -3.05 -0.62
N LYS A 60 12.91 -3.50 -1.40
CA LYS A 60 14.07 -2.70 -1.70
C LYS A 60 13.71 -1.49 -2.53
N GLU A 61 12.89 -1.69 -3.55
CA GLU A 61 12.47 -0.57 -4.38
C GLU A 61 11.62 0.39 -3.56
N ALA A 62 10.73 -0.13 -2.73
CA ALA A 62 9.88 0.72 -1.94
C ALA A 62 10.75 1.56 -0.97
N TYR A 63 11.79 0.94 -0.43
CA TYR A 63 12.70 1.62 0.49
C TYR A 63 13.38 2.75 -0.24
N SER A 64 13.88 2.49 -1.45
CA SER A 64 14.57 3.52 -2.25
C SER A 64 13.65 4.69 -2.58
N LYS A 65 12.34 4.45 -2.72
CA LYS A 65 11.43 5.55 -2.96
C LYS A 65 11.26 6.36 -1.65
N ALA A 66 11.30 5.69 -0.50
CA ALA A 66 11.15 6.38 0.79
C ALA A 66 12.31 7.34 0.97
N VAL A 67 13.50 6.93 0.56
CA VAL A 67 14.66 7.80 0.64
C VAL A 67 14.50 8.95 -0.36
N GLY A 68 13.76 8.71 -1.44
CA GLY A 68 13.44 9.72 -2.44
C GLY A 68 14.36 9.73 -3.64
N THR A 69 15.20 8.73 -3.73
CA THR A 69 16.16 8.65 -4.80
C THR A 69 15.89 7.52 -5.80
N GLY A 70 15.23 6.46 -5.34
CA GLY A 70 15.01 5.29 -6.19
C GLY A 70 16.31 4.51 -6.22
N ILE A 71 16.27 3.33 -6.83
CA ILE A 71 17.46 2.51 -6.96
C ILE A 71 18.42 3.27 -7.87
N GLY A 72 19.61 3.55 -7.38
CA GLY A 72 20.59 4.32 -8.15
C GLY A 72 21.92 4.36 -7.45
N LYS A 73 22.66 5.46 -7.63
CA LYS A 73 24.00 5.59 -7.04
C LYS A 73 24.00 5.62 -5.50
N GLU A 74 22.97 6.17 -4.87
CA GLU A 74 22.91 6.22 -3.40
C GLU A 74 22.53 4.87 -2.80
N VAL A 75 21.49 4.26 -3.36
CA VAL A 75 20.97 3.01 -2.87
C VAL A 75 20.77 1.99 -3.99
N SER A 76 21.35 0.82 -3.85
N SER A 76 21.37 0.83 -3.83
CA SER A 76 21.05 -0.21 -4.84
CA SER A 76 21.24 -0.26 -4.79
C SER A 76 20.64 -1.49 -4.10
C SER A 76 20.74 -1.53 -4.08
N PHE A 77 20.24 -2.49 -4.86
CA PHE A 77 19.75 -3.75 -4.32
C PHE A 77 20.66 -4.45 -3.34
N LEU A 78 21.95 -4.49 -3.63
CA LEU A 78 22.89 -5.23 -2.79
C LEU A 78 23.30 -4.52 -1.49
N ASP A 79 22.91 -3.26 -1.34
CA ASP A 79 23.17 -2.51 -0.12
C ASP A 79 22.08 -2.89 0.91
N ILE A 80 21.07 -3.62 0.47
CA ILE A 80 19.93 -3.94 1.34
C ILE A 80 19.67 -5.43 1.53
N GLU A 81 19.40 -5.77 2.79
CA GLU A 81 19.05 -7.12 3.13
C GLU A 81 17.72 -7.18 3.89
N VAL A 82 16.80 -8.02 3.42
CA VAL A 82 15.53 -8.16 4.07
C VAL A 82 15.51 -9.55 4.69
N ARG A 83 15.54 -9.62 6.02
CA ARG A 83 15.50 -10.91 6.65
C ARG A 83 14.22 -10.98 7.50
N ASN A 84 13.69 -12.17 7.69
CA ASN A 84 12.49 -12.35 8.48
C ASN A 84 12.90 -12.70 9.91
N ASP A 85 12.21 -12.18 10.91
CA ASP A 85 12.55 -12.50 12.29
C ASP A 85 11.90 -13.83 12.62
N ASP A 86 12.01 -14.26 13.86
CA ASP A 86 11.45 -15.56 14.26
C ASP A 86 9.94 -15.69 14.12
N ARG A 87 9.23 -14.57 14.02
CA ARG A 87 7.79 -14.61 13.85
C ARG A 87 7.44 -14.50 12.37
N GLY A 88 8.45 -14.28 11.52
CA GLY A 88 8.27 -14.14 10.08
C GLY A 88 8.22 -12.71 9.62
N LYS A 89 8.30 -11.77 10.57
CA LYS A 89 8.25 -10.35 10.22
C LYS A 89 9.49 -9.93 9.45
N PRO A 90 9.30 -9.29 8.27
CA PRO A 90 10.43 -8.82 7.44
C PRO A 90 11.17 -7.63 8.06
N ILE A 91 12.48 -7.76 8.19
N ILE A 91 12.49 -7.76 8.20
CA ILE A 91 13.33 -6.71 8.75
CA ILE A 91 13.34 -6.72 8.77
C ILE A 91 14.31 -6.23 7.68
C ILE A 91 14.32 -6.23 7.70
N LEU A 92 14.27 -4.94 7.37
CA LEU A 92 15.16 -4.37 6.36
C LEU A 92 16.44 -3.82 6.97
N ILE A 93 17.57 -4.41 6.59
CA ILE A 93 18.87 -4.01 7.08
C ILE A 93 19.68 -3.29 6.00
N THR A 94 20.00 -2.02 6.27
CA THR A 94 20.85 -1.24 5.38
C THR A 94 21.53 -0.15 6.20
N SER A 95 22.54 0.50 5.64
CA SER A 95 23.22 1.56 6.39
C SER A 95 22.43 2.84 6.24
N THR A 96 21.87 3.29 7.36
CA THR A 96 21.04 4.48 7.42
C THR A 96 20.91 4.90 8.88
N GLU A 97 20.71 6.19 9.13
CA GLU A 97 20.55 6.65 10.51
C GLU A 97 19.07 6.64 10.88
N HIS A 98 18.20 6.25 9.96
CA HIS A 98 16.79 6.26 10.24
C HIS A 98 16.23 4.91 10.66
N ILE A 99 15.02 4.92 11.21
CA ILE A 99 14.33 3.70 11.58
C ILE A 99 13.54 3.31 10.33
N VAL A 100 13.67 2.05 9.94
CA VAL A 100 13.00 1.53 8.75
C VAL A 100 11.83 0.62 9.12
N HIS A 101 10.62 0.97 8.69
CA HIS A 101 9.47 0.13 8.92
C HIS A 101 9.09 -0.45 7.55
N LEU A 102 8.86 -1.76 7.53
CA LEU A 102 8.54 -2.48 6.30
C LEU A 102 7.43 -3.50 6.48
N SER A 103 6.72 -3.75 5.39
CA SER A 103 5.70 -4.79 5.33
C SER A 103 5.65 -5.27 3.89
N ILE A 104 5.38 -6.56 3.73
CA ILE A 104 5.28 -7.22 2.42
C ILE A 104 4.01 -8.07 2.39
N SER A 105 3.47 -8.26 1.20
CA SER A 105 2.34 -9.16 1.00
C SER A 105 2.39 -9.63 -0.44
N HIS A 106 1.99 -10.88 -0.65
CA HIS A 106 1.95 -11.44 -1.99
C HIS A 106 0.78 -12.38 -2.23
N SER A 107 -0.06 -12.04 -3.20
CA SER A 107 -1.15 -12.92 -3.56
C SER A 107 -0.57 -13.86 -4.61
N LYS A 108 -1.43 -14.56 -5.33
CA LYS A 108 -0.97 -15.47 -6.34
C LYS A 108 -0.33 -14.75 -7.53
N GLU A 109 -0.73 -13.52 -7.85
CA GLU A 109 -0.14 -12.82 -8.99
C GLU A 109 0.56 -11.49 -8.69
N PHE A 110 0.41 -10.96 -7.49
CA PHE A 110 1.03 -9.70 -7.15
C PHE A 110 1.74 -9.69 -5.83
N ALA A 111 2.79 -8.88 -5.77
CA ALA A 111 3.51 -8.68 -4.55
C ALA A 111 3.45 -7.18 -4.30
N VAL A 112 3.41 -6.82 -3.03
N VAL A 112 3.38 -6.82 -3.03
CA VAL A 112 3.37 -5.43 -2.63
CA VAL A 112 3.37 -5.42 -2.62
C VAL A 112 4.27 -5.23 -1.43
C VAL A 112 4.27 -5.23 -1.43
N ALA A 113 4.90 -4.07 -1.36
CA ALA A 113 5.77 -3.74 -0.24
C ALA A 113 5.58 -2.28 0.07
N GLN A 114 5.73 -1.94 1.34
CA GLN A 114 5.67 -0.55 1.76
C GLN A 114 6.71 -0.29 2.82
N VAL A 115 7.22 0.92 2.81
CA VAL A 115 8.21 1.32 3.77
C VAL A 115 7.87 2.70 4.28
N VAL A 116 8.13 2.88 5.58
CA VAL A 116 8.01 4.17 6.23
C VAL A 116 9.33 4.35 6.94
N LEU A 117 10.03 5.42 6.61
CA LEU A 117 11.30 5.76 7.27
C LEU A 117 10.99 6.80 8.29
N GLU A 118 11.42 6.56 9.52
CA GLU A 118 11.18 7.45 10.63
C GLU A 118 12.49 8.01 11.17
N SER A 119 12.48 9.27 11.55
CA SER A 119 13.66 9.91 12.12
C SER A 119 13.96 9.39 13.51
N SER A 120 15.25 9.16 13.76
CA SER A 120 15.71 8.71 15.07
C SER A 120 16.29 9.97 15.68
N SER A 121 15.49 11.03 15.63
CA SER A 121 15.85 12.37 16.10
C SER A 121 15.09 13.35 15.20
N ALA B 3 10.28 6.49 19.93
CA ALA B 3 9.72 5.29 19.23
C ALA B 3 8.25 5.56 18.91
N MSE B 4 8.00 6.34 17.85
CA MSE B 4 6.64 6.73 17.51
C MSE B 4 5.86 5.73 16.69
O MSE B 4 4.72 5.47 17.01
CB MSE B 4 6.64 8.12 16.87
CG MSE B 4 7.20 9.16 17.82
SE MSE B 4 6.00 9.55 19.34
CE MSE B 4 5.31 7.77 19.77
N ILE B 5 6.44 5.19 15.62
CA ILE B 5 5.74 4.18 14.85
C ILE B 5 6.09 2.83 15.48
N VAL B 6 5.08 2.10 15.95
CA VAL B 6 5.29 0.80 16.54
C VAL B 6 5.46 -0.27 15.43
N GLY B 7 4.73 -0.10 14.32
CA GLY B 7 4.86 -1.05 13.22
C GLY B 7 3.90 -0.69 12.11
N ILE B 8 4.09 -1.32 10.95
CA ILE B 8 3.20 -1.09 9.81
C ILE B 8 2.88 -2.45 9.19
N GLY B 9 1.75 -2.54 8.48
CA GLY B 9 1.35 -3.78 7.85
C GLY B 9 0.56 -3.51 6.59
N ILE B 10 0.73 -4.37 5.59
CA ILE B 10 0.00 -4.21 4.34
C ILE B 10 -0.49 -5.58 3.89
N ASP B 11 -1.59 -5.63 3.17
CA ASP B 11 -2.06 -6.91 2.68
C ASP B 11 -2.80 -6.69 1.37
N ILE B 12 -2.63 -7.64 0.44
CA ILE B 12 -3.34 -7.60 -0.84
C ILE B 12 -4.05 -8.94 -0.97
N ILE B 13 -5.34 -8.91 -1.29
CA ILE B 13 -6.14 -10.14 -1.42
C ILE B 13 -6.89 -10.19 -2.75
N GLU B 14 -6.81 -11.34 -3.39
CA GLU B 14 -7.52 -11.57 -4.65
C GLU B 14 -8.99 -11.78 -4.28
N LEU B 15 -9.90 -10.92 -4.74
CA LEU B 15 -11.33 -11.06 -4.35
C LEU B 15 -11.97 -12.40 -4.67
N ASN B 16 -11.63 -12.98 -5.83
N ASN B 16 -11.62 -12.98 -5.83
CA ASN B 16 -12.20 -14.28 -6.21
CA ASN B 16 -12.15 -14.29 -6.23
C ASN B 16 -11.85 -15.39 -5.21
C ASN B 16 -11.85 -15.38 -5.19
N ARG B 17 -10.74 -15.22 -4.48
CA ARG B 17 -10.35 -16.19 -3.48
C ARG B 17 -11.33 -16.08 -2.32
N ILE B 18 -11.69 -14.85 -1.95
CA ILE B 18 -12.64 -14.66 -0.87
C ILE B 18 -14.01 -15.15 -1.31
N GLU B 19 -14.43 -14.76 -2.51
CA GLU B 19 -15.69 -15.20 -3.04
C GLU B 19 -15.81 -16.73 -2.97
N LYS B 20 -14.73 -17.44 -3.29
CA LYS B 20 -14.76 -18.91 -3.27
C LYS B 20 -14.89 -19.39 -1.83
N MSE B 21 -14.10 -18.79 -0.93
N MSE B 21 -14.11 -18.77 -0.94
CA MSE B 21 -14.15 -19.16 0.47
CA MSE B 21 -14.15 -19.09 0.49
C MSE B 21 -15.53 -18.89 1.05
C MSE B 21 -15.54 -18.91 1.03
O MSE B 21 -15.93 -19.55 2.01
O MSE B 21 -15.96 -19.63 1.93
CB MSE B 21 -13.06 -18.42 1.24
CB MSE B 21 -13.20 -18.19 1.26
CG MSE B 21 -11.67 -18.99 0.99
CG MSE B 21 -11.75 -18.52 1.09
SE MSE B 21 -10.21 -17.92 1.71
SE MSE B 21 -11.34 -20.22 1.92
CE MSE B 21 -8.83 -19.30 1.76
CE MSE B 21 -11.73 -19.79 3.78
N LEU B 22 -16.26 -17.95 0.47
CA LEU B 22 -17.63 -17.65 0.92
C LEU B 22 -18.65 -18.73 0.55
N ASP B 23 -18.31 -19.66 -0.34
CA ASP B 23 -19.24 -20.75 -0.70
C ASP B 23 -19.03 -22.04 0.11
N LYS B 27 -18.39 -22.20 8.15
CA LYS B 27 -18.92 -20.89 7.82
C LYS B 27 -17.77 -19.90 7.91
N PHE B 28 -17.27 -19.50 6.75
CA PHE B 28 -16.14 -18.61 6.63
C PHE B 28 -16.34 -17.24 7.29
N MSE B 29 -17.46 -16.59 7.00
CA MSE B 29 -17.73 -15.27 7.59
C MSE B 29 -17.78 -15.29 9.09
O MSE B 29 -17.42 -14.31 9.74
CB MSE B 29 -19.04 -14.70 7.12
CG MSE B 29 -18.98 -13.93 5.84
SE MSE B 29 -20.73 -13.12 5.71
CE MSE B 29 -21.80 -14.72 5.40
N GLU B 30 -18.27 -16.39 9.65
CA GLU B 30 -18.33 -16.48 11.09
C GLU B 30 -16.91 -16.45 11.64
N ARG B 31 -15.95 -16.87 10.85
CA ARG B 31 -14.56 -16.90 11.30
C ARG B 31 -13.81 -15.58 11.13
N ILE B 32 -14.21 -14.77 10.15
CA ILE B 32 -13.49 -13.53 9.86
C ILE B 32 -14.13 -12.28 10.47
N LEU B 33 -15.46 -12.20 10.35
CA LEU B 33 -16.24 -11.07 10.84
C LEU B 33 -16.85 -11.29 12.21
N THR B 34 -16.79 -10.26 13.06
CA THR B 34 -17.42 -10.34 14.38
C THR B 34 -18.92 -10.17 14.15
N GLU B 35 -19.68 -10.33 15.23
CA GLU B 35 -21.14 -10.23 15.25
C GLU B 35 -21.60 -8.92 14.63
N ASN B 36 -21.03 -7.81 15.08
CA ASN B 36 -21.39 -6.50 14.54
C ASN B 36 -21.11 -6.41 13.06
N GLU B 37 -19.95 -6.90 12.62
CA GLU B 37 -19.59 -6.86 11.20
C GLU B 37 -20.53 -7.72 10.36
N ARG B 38 -20.98 -8.84 10.92
CA ARG B 38 -21.89 -9.73 10.22
C ARG B 38 -23.24 -9.07 10.07
N ASN B 39 -23.66 -8.32 11.08
CA ASN B 39 -24.93 -7.62 10.97
C ASN B 39 -24.87 -6.54 9.88
N VAL B 40 -23.69 -6.02 9.62
CA VAL B 40 -23.54 -5.07 8.53
C VAL B 40 -23.53 -5.85 7.21
N ALA B 41 -22.80 -6.97 7.18
CA ALA B 41 -22.69 -7.80 5.97
C ALA B 41 -24.02 -8.39 5.47
N LYS B 42 -24.95 -8.67 6.39
CA LYS B 42 -26.25 -9.23 6.04
C LYS B 42 -27.04 -8.35 5.06
N GLY B 43 -26.77 -7.04 5.11
CA GLY B 43 -27.44 -6.11 4.22
C GLY B 43 -26.67 -5.89 2.93
N LEU B 44 -25.57 -6.61 2.73
CA LEU B 44 -24.78 -6.50 1.51
C LEU B 44 -25.00 -7.73 0.66
N LYS B 45 -24.74 -7.63 -0.64
CA LYS B 45 -24.89 -8.77 -1.52
C LYS B 45 -23.90 -8.68 -2.66
N GLY B 46 -23.76 -9.80 -3.36
CA GLY B 46 -22.87 -9.92 -4.51
C GLY B 46 -21.46 -9.42 -4.27
N SER B 47 -20.95 -8.67 -5.24
CA SER B 47 -19.60 -8.13 -5.21
C SER B 47 -19.33 -7.25 -4.02
N ARG B 48 -20.34 -6.51 -3.60
CA ARG B 48 -20.19 -5.62 -2.46
C ARG B 48 -19.94 -6.42 -1.19
N LEU B 49 -20.67 -7.52 -1.00
CA LEU B 49 -20.42 -8.36 0.15
C LEU B 49 -19.03 -8.99 0.03
N THR B 50 -18.68 -9.47 -1.16
CA THR B 50 -17.37 -10.09 -1.33
C THR B 50 -16.24 -9.11 -1.01
N GLU B 51 -16.34 -7.89 -1.54
CA GLU B 51 -15.28 -6.89 -1.32
C GLU B 51 -15.24 -6.42 0.14
N PHE B 52 -16.39 -6.42 0.80
CA PHE B 52 -16.49 -6.03 2.21
C PHE B 52 -15.78 -7.06 3.11
N VAL B 53 -16.03 -8.34 2.83
CA VAL B 53 -15.41 -9.40 3.60
C VAL B 53 -13.90 -9.37 3.35
N ALA B 54 -13.53 -9.20 2.09
CA ALA B 54 -12.13 -9.17 1.72
C ALA B 54 -11.45 -7.98 2.36
N GLY B 55 -12.10 -6.84 2.37
CA GLY B 55 -11.53 -5.65 2.99
C GLY B 55 -11.23 -5.86 4.46
N ARG B 56 -12.21 -6.40 5.18
CA ARG B 56 -12.04 -6.69 6.61
C ARG B 56 -10.92 -7.68 6.91
N PHE B 57 -10.85 -8.74 6.09
CA PHE B 57 -9.81 -9.76 6.21
C PHE B 57 -8.45 -9.08 6.10
N ALA B 58 -8.28 -8.37 4.99
CA ALA B 58 -7.05 -7.65 4.68
C ALA B 58 -6.67 -6.63 5.77
N ALA B 59 -7.65 -5.93 6.33
CA ALA B 59 -7.40 -4.94 7.38
C ALA B 59 -6.87 -5.60 8.65
N LYS B 60 -7.52 -6.70 9.04
CA LYS B 60 -7.18 -7.42 10.24
C LYS B 60 -5.81 -8.07 10.10
N GLU B 61 -5.54 -8.65 8.94
CA GLU B 61 -4.24 -9.25 8.69
C GLU B 61 -3.15 -8.19 8.68
N ALA B 62 -3.41 -7.08 8.00
CA ALA B 62 -2.46 -5.98 7.94
C ALA B 62 -2.13 -5.55 9.35
N TYR B 63 -3.16 -5.44 10.18
CA TYR B 63 -2.98 -5.00 11.55
C TYR B 63 -2.11 -5.98 12.33
N SER B 64 -2.32 -7.27 12.08
CA SER B 64 -1.58 -8.33 12.77
C SER B 64 -0.11 -8.33 12.33
N LYS B 65 0.15 -7.84 11.13
CA LYS B 65 1.52 -7.74 10.66
C LYS B 65 2.15 -6.50 11.32
N ALA B 66 1.36 -5.46 11.50
CA ALA B 66 1.83 -4.25 12.13
C ALA B 66 2.27 -4.56 13.55
N VAL B 67 1.56 -5.45 14.24
CA VAL B 67 1.97 -5.78 15.59
C VAL B 67 3.22 -6.69 15.55
N GLY B 68 3.45 -7.37 14.43
CA GLY B 68 4.64 -8.23 14.25
C GLY B 68 4.42 -9.71 14.48
N THR B 69 3.19 -10.09 14.76
CA THR B 69 2.91 -11.49 15.05
C THR B 69 2.10 -12.24 13.98
N GLY B 70 1.33 -11.52 13.17
CA GLY B 70 0.42 -12.16 12.21
C GLY B 70 -0.77 -12.70 13.02
N ILE B 71 -1.76 -13.24 12.31
CA ILE B 71 -2.94 -13.84 12.93
C ILE B 71 -2.46 -15.08 13.72
N GLY B 72 -2.74 -15.10 15.02
CA GLY B 72 -2.24 -16.19 15.86
C GLY B 72 -2.78 -16.10 17.27
N LYS B 73 -2.05 -16.65 18.23
CA LYS B 73 -2.53 -16.64 19.63
C LYS B 73 -2.66 -15.23 20.24
N GLU B 74 -1.87 -14.25 19.79
CA GLU B 74 -1.96 -12.90 20.33
C GLU B 74 -3.15 -12.15 19.74
N VAL B 75 -3.29 -12.20 18.42
CA VAL B 75 -4.35 -11.50 17.74
C VAL B 75 -5.01 -12.39 16.71
N SER B 76 -6.32 -12.52 16.74
N SER B 76 -6.33 -12.41 16.76
CA SER B 76 -7.01 -13.20 15.66
CA SER B 76 -7.13 -13.18 15.84
C SER B 76 -8.16 -12.31 15.21
C SER B 76 -8.20 -12.27 15.22
N PHE B 77 -8.80 -12.75 14.14
CA PHE B 77 -9.87 -12.04 13.48
C PHE B 77 -10.98 -11.50 14.38
N LEU B 78 -11.45 -12.33 15.29
CA LEU B 78 -12.58 -11.94 16.12
C LEU B 78 -12.22 -11.01 17.30
N ASP B 79 -10.94 -10.67 17.47
CA ASP B 79 -10.55 -9.71 18.51
C ASP B 79 -10.66 -8.31 17.91
N ILE B 80 -10.81 -8.24 16.59
CA ILE B 80 -10.84 -6.98 15.87
C ILE B 80 -12.14 -6.69 15.16
N GLU B 81 -12.55 -5.43 15.21
CA GLU B 81 -13.73 -5.01 14.50
C GLU B 81 -13.39 -3.77 13.67
N VAL B 82 -13.71 -3.85 12.38
CA VAL B 82 -13.49 -2.73 11.49
C VAL B 82 -14.84 -2.06 11.26
N ARG B 83 -14.95 -0.81 11.66
CA ARG B 83 -16.22 -0.08 11.58
C ARG B 83 -16.03 1.14 10.66
N ASN B 84 -17.06 1.57 9.94
CA ASN B 84 -16.93 2.75 9.08
C ASN B 84 -17.61 3.90 9.80
N ASP B 85 -16.98 5.06 9.83
CA ASP B 85 -17.58 6.19 10.52
C ASP B 85 -18.67 6.84 9.64
N ASP B 86 -19.18 7.97 10.07
CA ASP B 86 -20.27 8.64 9.32
C ASP B 86 -19.85 9.03 7.91
N ARG B 87 -18.54 9.22 7.71
CA ARG B 87 -18.03 9.61 6.41
C ARG B 87 -17.68 8.40 5.55
N GLY B 88 -17.69 7.22 6.17
CA GLY B 88 -17.34 5.98 5.51
C GLY B 88 -15.93 5.55 5.82
N LYS B 89 -15.20 6.36 6.62
CA LYS B 89 -13.81 6.06 6.96
C LYS B 89 -13.66 4.87 7.92
N PRO B 90 -12.84 3.87 7.54
CA PRO B 90 -12.70 2.65 8.35
C PRO B 90 -11.95 2.86 9.65
N ILE B 91 -12.55 2.38 10.74
N ILE B 91 -12.55 2.42 10.76
CA ILE B 91 -11.99 2.50 12.10
CA ILE B 91 -11.96 2.52 12.10
C ILE B 91 -11.73 1.10 12.67
C ILE B 91 -11.72 1.11 12.65
N LEU B 92 -10.49 0.84 13.08
CA LEU B 92 -10.14 -0.46 13.63
C LEU B 92 -10.20 -0.44 15.16
N ILE B 93 -11.12 -1.25 15.69
CA ILE B 93 -11.36 -1.37 17.11
C ILE B 93 -10.81 -2.71 17.67
N THR B 94 -9.78 -2.63 18.50
CA THR B 94 -9.22 -3.81 19.15
C THR B 94 -8.60 -3.36 20.46
N SER B 95 -8.27 -4.28 21.35
CA SER B 95 -7.68 -3.87 22.62
C SER B 95 -6.19 -3.67 22.40
N THR B 96 -5.72 -2.44 22.57
CA THR B 96 -4.33 -2.11 22.37
C THR B 96 -4.01 -0.76 22.98
N GLU B 97 -2.75 -0.55 23.36
CA GLU B 97 -2.34 0.73 23.93
C GLU B 97 -2.06 1.73 22.81
N HIS B 98 -1.95 1.23 21.59
CA HIS B 98 -1.59 2.08 20.46
C HIS B 98 -2.73 2.72 19.69
N ILE B 99 -2.36 3.70 18.86
CA ILE B 99 -3.28 4.36 17.98
C ILE B 99 -3.16 3.57 16.67
N VAL B 100 -4.31 3.16 16.16
CA VAL B 100 -4.35 2.38 14.91
C VAL B 100 -4.86 3.26 13.79
N HIS B 101 -4.05 3.38 12.74
CA HIS B 101 -4.44 4.12 11.57
C HIS B 101 -4.65 3.06 10.49
N LEU B 102 -5.81 3.12 9.82
CA LEU B 102 -6.17 2.15 8.80
C LEU B 102 -6.69 2.79 7.54
N SER B 103 -6.47 2.10 6.43
CA SER B 103 -7.05 2.49 5.14
C SER B 103 -7.31 1.21 4.32
N ILE B 104 -8.38 1.24 3.53
CA ILE B 104 -8.76 0.14 2.67
C ILE B 104 -9.08 0.61 1.25
N SER B 105 -8.86 -0.26 0.27
CA SER B 105 -9.25 0.03 -1.11
C SER B 105 -9.58 -1.28 -1.82
N HIS B 106 -10.56 -1.25 -2.69
CA HIS B 106 -10.88 -2.43 -3.47
C HIS B 106 -11.32 -2.12 -4.87
N SER B 107 -10.63 -2.72 -5.83
CA SER B 107 -10.99 -2.57 -7.22
C SER B 107 -11.91 -3.76 -7.51
N LYS B 108 -12.12 -4.03 -8.79
CA LYS B 108 -12.98 -5.11 -9.18
C LYS B 108 -12.39 -6.48 -8.79
N GLU B 109 -11.07 -6.65 -8.86
CA GLU B 109 -10.48 -7.95 -8.52
C GLU B 109 -9.56 -8.00 -7.30
N PHE B 110 -9.26 -6.87 -6.68
CA PHE B 110 -8.37 -6.87 -5.53
C PHE B 110 -8.77 -5.94 -4.43
N ALA B 111 -8.36 -6.30 -3.22
CA ALA B 111 -8.56 -5.50 -2.06
C ALA B 111 -7.19 -5.31 -1.42
N VAL B 112 -6.95 -4.14 -0.84
CA VAL B 112 -5.71 -3.86 -0.16
C VAL B 112 -6.03 -3.08 1.08
N ALA B 113 -5.22 -3.28 2.12
CA ALA B 113 -5.37 -2.59 3.37
C ALA B 113 -3.99 -2.29 3.93
N GLN B 114 -3.88 -1.18 4.65
CA GLN B 114 -2.64 -0.83 5.27
C GLN B 114 -2.93 -0.31 6.67
N VAL B 115 -2.00 -0.57 7.57
CA VAL B 115 -2.11 -0.13 8.93
C VAL B 115 -0.79 0.45 9.41
N VAL B 116 -0.88 1.56 10.14
CA VAL B 116 0.27 2.16 10.79
C VAL B 116 -0.09 2.24 12.27
N LEU B 117 0.68 1.56 13.11
CA LEU B 117 0.46 1.62 14.57
C LEU B 117 1.37 2.68 15.20
N GLU B 118 0.76 3.62 15.90
CA GLU B 118 1.48 4.70 16.54
C GLU B 118 1.43 4.62 18.07
N SER B 119 2.56 4.83 18.73
CA SER B 119 2.61 4.82 20.19
C SER B 119 1.74 5.92 20.80
N SER B 120 1.12 5.62 21.93
CA SER B 120 0.24 6.57 22.59
C SER B 120 0.91 7.26 23.79
N ALA C 3 0.10 12.74 19.06
CA ALA C 3 -0.84 12.80 17.88
C ALA C 3 -0.09 13.05 16.56
N MSE C 4 0.98 12.29 16.33
CA MSE C 4 1.82 12.43 15.15
C MSE C 4 1.07 12.28 13.81
O MSE C 4 0.91 13.25 13.08
CB MSE C 4 3.02 11.46 15.23
CG MSE C 4 3.93 11.38 13.97
SE MSE C 4 5.50 10.20 14.17
CE MSE C 4 4.65 8.58 14.83
N ILE C 5 0.60 11.07 13.50
CA ILE C 5 -0.10 10.83 12.23
C ILE C 5 -1.55 11.35 12.30
N VAL C 6 -1.99 12.14 11.34
CA VAL C 6 -3.39 12.61 11.34
C VAL C 6 -4.25 11.59 10.58
N GLY C 7 -3.65 10.84 9.66
CA GLY C 7 -4.39 9.85 8.91
C GLY C 7 -3.54 9.24 7.82
N ILE C 8 -3.98 8.09 7.31
CA ILE C 8 -3.30 7.39 6.23
C ILE C 8 -4.33 7.08 5.14
N GLY C 9 -3.89 6.86 3.91
CA GLY C 9 -4.80 6.56 2.81
C GLY C 9 -4.10 5.70 1.79
N ILE C 10 -4.83 4.71 1.26
CA ILE C 10 -4.30 3.80 0.24
C ILE C 10 -5.31 3.72 -0.87
N ASP C 11 -4.83 3.56 -2.10
CA ASP C 11 -5.74 3.39 -3.21
C ASP C 11 -5.17 2.47 -4.28
N ILE C 12 -6.01 1.56 -4.80
CA ILE C 12 -5.59 0.66 -5.90
C ILE C 12 -6.57 0.88 -7.04
N ILE C 13 -6.02 1.07 -8.23
N ILE C 13 -6.04 1.05 -8.24
CA ILE C 13 -6.83 1.33 -9.43
CA ILE C 13 -6.90 1.30 -9.40
C ILE C 13 -6.45 0.40 -10.56
C ILE C 13 -6.47 0.49 -10.61
N GLU C 14 -7.45 -0.18 -11.23
CA GLU C 14 -7.19 -1.01 -12.40
C GLU C 14 -6.91 -0.02 -13.55
N LEU C 15 -5.77 -0.18 -14.23
CA LEU C 15 -5.38 0.75 -15.30
C LEU C 15 -6.33 0.77 -16.49
N ASN C 16 -6.80 -0.41 -16.93
N ASN C 16 -6.79 -0.41 -16.89
CA ASN C 16 -7.72 -0.43 -18.07
CA ASN C 16 -7.74 -0.53 -17.99
C ASN C 16 -9.02 0.32 -17.79
C ASN C 16 -8.98 0.33 -17.76
N ARG C 17 -9.37 0.47 -16.50
CA ARG C 17 -10.54 1.24 -16.14
C ARG C 17 -10.28 2.72 -16.40
N ILE C 18 -9.11 3.22 -16.04
CA ILE C 18 -8.81 4.62 -16.30
C ILE C 18 -8.68 4.85 -17.80
N GLU C 19 -8.03 3.91 -18.48
CA GLU C 19 -7.86 3.99 -19.91
C GLU C 19 -9.24 4.17 -20.60
N LYS C 20 -10.21 3.38 -20.19
CA LYS C 20 -11.55 3.46 -20.78
C LYS C 20 -12.18 4.83 -20.51
N MSE C 21 -11.89 5.39 -19.34
N MSE C 21 -11.88 5.39 -19.34
CA MSE C 21 -12.44 6.68 -19.00
CA MSE C 21 -12.37 6.70 -18.96
C MSE C 21 -11.76 7.79 -19.81
C MSE C 21 -11.77 7.77 -19.85
O MSE C 21 -12.35 8.85 -20.03
O MSE C 21 -12.41 8.77 -20.16
CB MSE C 21 -12.32 6.94 -17.49
CB MSE C 21 -11.96 7.01 -17.53
CG MSE C 21 -12.91 5.80 -16.65
CG MSE C 21 -12.57 6.09 -16.54
SE MSE C 21 -12.81 6.02 -14.69
SE MSE C 21 -14.47 6.34 -16.61
CE MSE C 21 -14.29 7.28 -14.48
CE MSE C 21 -14.55 8.13 -15.86
N LEU C 22 -10.53 7.55 -20.25
CA LEU C 22 -9.81 8.51 -21.07
C LEU C 22 -10.38 8.61 -22.46
N ASP C 23 -10.62 7.46 -23.08
CA ASP C 23 -11.12 7.40 -24.45
C ASP C 23 -12.62 7.66 -24.48
N LYS C 27 -12.10 16.01 -21.47
CA LYS C 27 -13.24 15.87 -20.57
C LYS C 27 -12.79 15.27 -19.25
N PHE C 28 -12.54 13.97 -19.27
CA PHE C 28 -12.14 13.24 -18.08
C PHE C 28 -10.85 13.76 -17.44
N MSE C 29 -9.80 13.93 -18.23
CA MSE C 29 -8.54 14.45 -17.70
C MSE C 29 -8.71 15.82 -17.14
O MSE C 29 -8.01 16.20 -16.21
CB MSE C 29 -7.47 14.54 -18.76
CG MSE C 29 -6.46 13.43 -18.75
SE MSE C 29 -5.11 13.89 -20.10
CE MSE C 29 -4.97 15.83 -19.85
N GLU C 30 -9.61 16.58 -17.74
CA GLU C 30 -9.85 17.94 -17.29
C GLU C 30 -10.47 17.90 -15.90
N ARG C 31 -11.15 16.82 -15.57
CA ARG C 31 -11.78 16.70 -14.25
C ARG C 31 -10.80 16.23 -13.19
N ILE C 32 -9.78 15.47 -13.59
CA ILE C 32 -8.85 14.87 -12.64
C ILE C 32 -7.51 15.58 -12.47
N LEU C 33 -7.04 16.18 -13.55
CA LEU C 33 -5.75 16.85 -13.58
C LEU C 33 -5.89 18.36 -13.62
N THR C 34 -5.01 19.02 -12.88
CA THR C 34 -4.96 20.47 -12.87
C THR C 34 -4.26 20.92 -14.16
N GLU C 35 -4.22 22.23 -14.37
CA GLU C 35 -3.57 22.78 -15.53
C GLU C 35 -2.14 22.30 -15.66
N ASN C 36 -1.35 22.48 -14.60
CA ASN C 36 0.05 22.10 -14.61
C ASN C 36 0.17 20.62 -14.92
N GLU C 37 -0.65 19.81 -14.27
CA GLU C 37 -0.57 18.36 -14.50
C GLU C 37 -0.90 17.98 -15.92
N ARG C 38 -1.84 18.67 -16.56
CA ARG C 38 -2.20 18.33 -17.92
C ARG C 38 -1.11 18.72 -18.91
N ASN C 39 -0.34 19.74 -18.57
CA ASN C 39 0.75 20.14 -19.44
C ASN C 39 1.83 19.06 -19.43
N VAL C 40 1.94 18.34 -18.32
CA VAL C 40 2.88 17.22 -18.26
C VAL C 40 2.28 16.07 -19.07
N ALA C 41 1.01 15.75 -18.79
CA ALA C 41 0.32 14.65 -19.48
C ALA C 41 0.31 14.79 -21.01
N LYS C 42 0.36 16.04 -21.44
CA LYS C 42 0.33 16.42 -22.85
C LYS C 42 1.53 15.88 -23.63
N GLY C 43 2.61 15.61 -22.91
CA GLY C 43 3.79 15.04 -23.54
C GLY C 43 3.88 13.53 -23.42
N LEU C 44 2.90 12.90 -22.78
CA LEU C 44 2.89 11.43 -22.60
C LEU C 44 1.91 10.76 -23.57
N LYS C 45 2.09 9.47 -23.83
CA LYS C 45 1.12 8.77 -24.66
C LYS C 45 1.04 7.30 -24.28
N GLY C 46 0.06 6.62 -24.86
CA GLY C 46 -0.13 5.20 -24.61
C GLY C 46 -0.19 4.88 -23.13
N SER C 47 0.40 3.75 -22.77
CA SER C 47 0.38 3.25 -21.41
C SER C 47 1.01 4.20 -20.41
N ARG C 48 1.94 5.04 -20.86
CA ARG C 48 2.55 6.02 -19.99
C ARG C 48 1.53 7.11 -19.60
N LEU C 49 0.73 7.58 -20.56
CA LEU C 49 -0.28 8.57 -20.22
C LEU C 49 -1.30 7.92 -19.27
N THR C 50 -1.74 6.70 -19.56
CA THR C 50 -2.72 6.02 -18.73
C THR C 50 -2.22 5.83 -17.29
N GLU C 51 -0.98 5.36 -17.14
CA GLU C 51 -0.45 5.09 -15.79
C GLU C 51 -0.28 6.40 -15.06
N PHE C 52 0.12 7.44 -15.79
CA PHE C 52 0.30 8.77 -15.23
C PHE C 52 -0.99 9.31 -14.63
N VAL C 53 -2.05 9.35 -15.43
CA VAL C 53 -3.34 9.82 -14.94
C VAL C 53 -3.80 8.93 -13.79
N ALA C 54 -3.58 7.62 -13.93
CA ALA C 54 -4.03 6.66 -12.92
C ALA C 54 -3.35 6.88 -11.59
N GLY C 55 -2.03 7.09 -11.61
CA GLY C 55 -1.29 7.38 -10.40
C GLY C 55 -1.74 8.68 -9.76
N ARG C 56 -2.13 9.67 -10.57
CA ARG C 56 -2.65 10.93 -10.03
C ARG C 56 -4.02 10.76 -9.37
N PHE C 57 -4.91 10.03 -10.06
CA PHE C 57 -6.22 9.73 -9.51
C PHE C 57 -6.05 9.10 -8.13
N ALA C 58 -5.27 8.01 -8.08
CA ALA C 58 -5.04 7.25 -6.87
C ALA C 58 -4.34 8.07 -5.75
N ALA C 59 -3.37 8.90 -6.13
CA ALA C 59 -2.68 9.71 -5.14
C ALA C 59 -3.66 10.66 -4.47
N LYS C 60 -4.47 11.31 -5.31
CA LYS C 60 -5.45 12.28 -4.84
C LYS C 60 -6.56 11.61 -4.03
N GLU C 61 -7.03 10.45 -4.48
CA GLU C 61 -8.04 9.71 -3.73
C GLU C 61 -7.48 9.25 -2.37
N ALA C 62 -6.25 8.72 -2.38
CA ALA C 62 -5.63 8.23 -1.17
C ALA C 62 -5.42 9.40 -0.18
N TYR C 63 -5.06 10.57 -0.69
CA TYR C 63 -4.92 11.75 0.16
C TYR C 63 -6.27 12.05 0.85
N SER C 64 -7.34 12.07 0.06
CA SER C 64 -8.67 12.35 0.60
C SER C 64 -9.08 11.33 1.67
N LYS C 65 -8.64 10.07 1.57
CA LYS C 65 -8.95 9.07 2.60
C LYS C 65 -8.15 9.41 3.86
N ALA C 66 -6.91 9.82 3.64
CA ALA C 66 -6.04 10.21 4.74
C ALA C 66 -6.74 11.32 5.52
N VAL C 67 -7.38 12.24 4.80
CA VAL C 67 -8.12 13.34 5.43
C VAL C 67 -9.36 12.77 6.13
N GLY C 68 -9.88 11.67 5.65
CA GLY C 68 -11.02 11.01 6.28
C GLY C 68 -12.37 11.42 5.69
N THR C 69 -12.34 12.15 4.59
CA THR C 69 -13.54 12.63 3.92
C THR C 69 -13.77 12.02 2.56
N GLY C 70 -12.70 11.59 1.89
CA GLY C 70 -12.82 11.11 0.52
C GLY C 70 -13.06 12.33 -0.36
N ILE C 71 -13.12 12.09 -1.67
CA ILE C 71 -13.34 13.16 -2.64
C ILE C 71 -14.75 13.72 -2.41
N GLY C 72 -14.84 15.02 -2.27
CA GLY C 72 -16.11 15.64 -2.00
C GLY C 72 -16.00 17.14 -1.87
N LYS C 73 -16.82 17.69 -1.00
CA LYS C 73 -16.90 19.14 -0.81
C LYS C 73 -15.67 19.78 -0.14
N GLU C 74 -14.96 19.02 0.69
CA GLU C 74 -13.80 19.63 1.35
C GLU C 74 -12.52 19.44 0.56
N VAL C 75 -12.44 18.37 -0.21
CA VAL C 75 -11.28 18.05 -1.00
C VAL C 75 -11.69 17.44 -2.35
N SER C 76 -11.34 18.08 -3.44
N SER C 76 -11.30 18.11 -3.43
CA SER C 76 -11.62 17.46 -4.73
CA SER C 76 -11.61 17.64 -4.77
C SER C 76 -10.33 17.42 -5.55
C SER C 76 -10.32 17.47 -5.58
N PHE C 77 -10.38 16.70 -6.65
CA PHE C 77 -9.21 16.49 -7.52
C PHE C 77 -8.42 17.75 -7.91
N LEU C 78 -9.12 18.82 -8.26
CA LEU C 78 -8.45 20.03 -8.75
C LEU C 78 -7.89 20.92 -7.64
N ASP C 79 -8.12 20.54 -6.40
CA ASP C 79 -7.55 21.28 -5.28
C ASP C 79 -6.14 20.73 -5.05
N ILE C 80 -5.85 19.62 -5.74
CA ILE C 80 -4.59 18.89 -5.55
C ILE C 80 -3.75 18.73 -6.81
N GLU C 81 -2.46 19.00 -6.67
CA GLU C 81 -1.53 18.83 -7.74
C GLU C 81 -0.41 17.90 -7.30
N VAL C 82 -0.12 16.89 -8.13
CA VAL C 82 0.99 16.01 -7.82
C VAL C 82 2.13 16.28 -8.80
N ARG C 83 3.26 16.76 -8.27
N ARG C 83 3.20 16.86 -8.24
CA ARG C 83 4.43 17.03 -9.08
CA ARG C 83 4.38 17.24 -8.99
C ARG C 83 5.49 15.97 -8.81
C ARG C 83 5.58 16.40 -8.58
N ASN C 84 6.49 15.91 -9.68
N ASN C 84 6.28 15.82 -9.55
CA ASN C 84 7.61 15.02 -9.51
CA ASN C 84 7.47 15.03 -9.24
C ASN C 84 8.84 15.91 -9.27
C ASN C 84 8.71 15.93 -9.17
N ASP C 85 9.60 15.67 -8.21
CA ASP C 85 10.77 16.50 -8.01
C ASP C 85 11.86 16.13 -9.01
N ASP C 86 13.07 16.68 -8.89
CA ASP C 86 14.12 16.39 -9.88
C ASP C 86 14.57 14.93 -9.97
N ARG C 87 14.32 14.14 -8.92
CA ARG C 87 14.66 12.72 -8.90
C ARG C 87 13.53 11.83 -9.35
N GLY C 88 12.34 12.42 -9.48
CA GLY C 88 11.14 11.73 -9.92
C GLY C 88 10.16 11.48 -8.79
N LYS C 89 10.55 11.86 -7.57
CA LYS C 89 9.71 11.65 -6.40
C LYS C 89 8.43 12.53 -6.46
N PRO C 90 7.26 11.90 -6.25
CA PRO C 90 5.98 12.59 -6.27
C PRO C 90 5.75 13.45 -5.02
N ILE C 91 5.46 14.73 -5.25
CA ILE C 91 5.19 15.70 -4.20
C ILE C 91 3.74 16.18 -4.34
N LEU C 92 2.94 15.94 -3.29
CA LEU C 92 1.55 16.35 -3.28
C LEU C 92 1.44 17.79 -2.74
N ILE C 93 0.87 18.65 -3.57
CA ILE C 93 0.66 20.06 -3.27
C ILE C 93 -0.83 20.39 -3.13
N THR C 94 -1.24 20.76 -1.92
CA THR C 94 -2.63 21.13 -1.68
C THR C 94 -2.69 22.06 -0.48
N SER C 95 -3.84 22.66 -0.22
CA SER C 95 -4.00 23.56 0.93
C SER C 95 -4.17 22.75 2.22
N THR C 96 -3.18 22.76 3.10
CA THR C 96 -3.29 22.03 4.37
C THR C 96 -2.22 22.48 5.35
N GLU C 97 -2.50 22.26 6.63
CA GLU C 97 -1.55 22.57 7.69
C GLU C 97 -0.62 21.39 7.91
N HIS C 98 -0.94 20.27 7.30
CA HIS C 98 -0.17 19.06 7.51
C HIS C 98 0.91 18.78 6.49
N ILE C 99 1.83 17.91 6.88
CA ILE C 99 2.89 17.46 6.02
C ILE C 99 2.30 16.25 5.29
N VAL C 100 2.40 16.26 3.96
CA VAL C 100 1.87 15.18 3.14
C VAL C 100 2.96 14.26 2.61
N HIS C 101 2.91 13.00 3.01
CA HIS C 101 3.84 12.00 2.50
C HIS C 101 3.06 11.17 1.50
N LEU C 102 3.68 10.94 0.35
CA LEU C 102 3.07 10.21 -0.76
C LEU C 102 4.00 9.27 -1.50
N SER C 103 3.45 8.18 -2.02
CA SER C 103 4.20 7.27 -2.88
C SER C 103 3.25 6.65 -3.93
N ILE C 104 3.79 6.40 -5.11
CA ILE C 104 3.05 5.82 -6.21
C ILE C 104 3.84 4.65 -6.82
N SER C 105 3.12 3.67 -7.35
CA SER C 105 3.72 2.57 -8.08
C SER C 105 2.72 2.12 -9.11
N HIS C 106 3.20 1.68 -10.27
CA HIS C 106 2.33 1.18 -11.30
C HIS C 106 2.96 0.06 -12.10
N SER C 107 2.25 -1.07 -12.15
CA SER C 107 2.67 -2.23 -12.94
C SER C 107 1.93 -2.08 -14.28
N LYS C 108 1.91 -3.13 -15.07
CA LYS C 108 1.18 -3.05 -16.32
C LYS C 108 -0.31 -2.84 -16.16
N GLU C 109 -0.88 -3.49 -15.15
N GLU C 109 -0.92 -3.48 -15.17
CA GLU C 109 -2.32 -3.53 -14.95
CA GLU C 109 -2.37 -3.37 -15.03
C GLU C 109 -2.90 -2.76 -13.78
C GLU C 109 -2.92 -2.71 -13.78
N PHE C 110 -2.06 -2.30 -12.85
CA PHE C 110 -2.53 -1.60 -11.66
C PHE C 110 -1.65 -0.45 -11.20
N ALA C 111 -2.29 0.54 -10.59
CA ALA C 111 -1.61 1.67 -10.00
C ALA C 111 -1.98 1.67 -8.52
N VAL C 112 -1.03 2.04 -7.67
CA VAL C 112 -1.30 2.14 -6.25
C VAL C 112 -0.65 3.42 -5.77
N ALA C 113 -1.26 4.01 -4.75
CA ALA C 113 -0.73 5.21 -4.15
C ALA C 113 -1.09 5.14 -2.70
N GLN C 114 -0.23 5.70 -1.85
CA GLN C 114 -0.50 5.76 -0.43
C GLN C 114 -0.10 7.13 0.09
N VAL C 115 -0.79 7.56 1.14
CA VAL C 115 -0.52 8.82 1.78
C VAL C 115 -0.52 8.65 3.30
N VAL C 116 0.41 9.36 3.93
CA VAL C 116 0.51 9.46 5.38
C VAL C 116 0.53 10.96 5.61
N LEU C 117 -0.41 11.43 6.42
CA LEU C 117 -0.47 12.84 6.78
C LEU C 117 0.10 12.95 8.19
N GLU C 118 1.05 13.86 8.35
CA GLU C 118 1.70 14.06 9.63
C GLU C 118 1.42 15.48 10.09
N SER C 119 1.24 15.63 11.41
CA SER C 119 0.96 16.94 11.98
C SER C 119 2.24 17.74 12.14
N SER C 120 2.17 19.03 11.83
CA SER C 120 3.32 19.91 12.01
C SER C 120 3.16 20.55 13.39
N SER C 121 3.62 19.83 14.40
CA SER C 121 3.51 20.23 15.80
C SER C 121 2.95 19.03 16.58
MG MG D . 1.41 -14.36 0.10
MG MG E . 7.98 -0.62 -9.05
CL CL F . 13.64 2.44 -8.60
MG MG G . 10.22 3.04 -11.58
P1 A3P H . 7.98 -13.34 2.89
O1P A3P H . 8.18 -13.45 1.40
O2P A3P H . 7.71 -14.63 3.55
O3P A3P H . 8.95 -12.43 3.61
P2 A3P H . 0.95 -12.49 2.79
O4P A3P H . 0.83 -13.79 3.53
O5P A3P H . 1.28 -12.81 1.36
O6P A3P H . -0.13 -11.42 2.97
O5' A3P H . 2.25 -11.76 3.34
C5' A3P H . 3.48 -12.46 3.20
C4' A3P H . 4.52 -11.72 3.98
O4' A3P H . 4.04 -11.43 5.29
C3' A3P H . 5.81 -12.48 4.20
O3' A3P H . 6.57 -12.55 3.00
C2' A3P H . 6.40 -11.69 5.38
O2' A3P H . 7.31 -10.66 4.99
C1' A3P H . 5.18 -11.08 6.06
N9 A3P H . 5.06 -11.66 7.41
C8 A3P H . 5.14 -12.97 7.74
N7 A3P H . 5.02 -13.13 9.08
C5 A3P H . 4.89 -11.91 9.61
C6 A3P H . 4.75 -11.38 10.98
N6 A3P H . 4.71 -12.22 12.05
N1 A3P H . 4.65 -10.03 11.10
C2 A3P H . 4.69 -9.19 10.04
N3 A3P H . 4.83 -9.61 8.76
C4 A3P H . 4.91 -10.93 8.51
P1 A3P I . 10.17 1.19 -14.21
O1P A3P I . 8.94 0.36 -14.52
O2P A3P I . 10.32 2.44 -15.02
O3P A3P I . 10.35 1.40 -12.72
P2 A3P I . 11.70 -0.20 -20.17
O4P A3P I . 13.19 -0.30 -20.42
O5P A3P I . 11.26 1.18 -19.73
O6P A3P I . 10.80 -0.80 -21.24
O5' A3P I . 11.53 -1.22 -18.90
C5' A3P I . 10.48 -1.05 -17.95
C4' A3P I . 10.97 -1.19 -16.51
O4' A3P I . 11.82 -2.33 -16.35
C3' A3P I . 11.79 0.01 -16.01
O3' A3P I . 11.46 0.34 -14.65
C2' A3P I . 13.21 -0.50 -16.02
O2' A3P I . 14.04 0.24 -15.12
C1' A3P I . 13.01 -1.96 -15.63
N9 A3P I . 14.11 -2.85 -16.02
C8 A3P I . 14.61 -2.95 -17.27
N7 A3P I . 15.60 -3.86 -17.32
C5 A3P I . 15.75 -4.35 -16.07
C6 A3P I . 16.64 -5.35 -15.43
N6 A3P I . 17.57 -5.99 -16.18
N1 A3P I . 16.48 -5.58 -14.10
C2 A3P I . 15.54 -4.94 -13.38
N3 A3P I . 14.71 -4.02 -13.92
C4 A3P I . 14.77 -3.69 -15.22
MG MG J . 0.71 -14.94 5.04
MG MG K . -2.32 -11.84 2.95
CL CL L . -1.41 -13.64 9.13
MG MG M . -13.73 -0.23 -4.46
CL CL N . -14.01 -3.78 3.41
CL CL O . -5.10 -13.66 -2.20
P1 A3P P . -15.47 -0.39 2.81
O1P A3P P . -15.53 -1.78 2.25
O2P A3P P . -16.61 0.45 2.35
O3P A3P P . -15.18 -0.27 4.30
P2 A3P P . -12.17 2.39 -2.84
O4P A3P P . -13.31 3.33 -3.08
O5P A3P P . -12.47 0.94 -3.22
O6P A3P P . -10.83 2.90 -3.33
O5' A3P P . -12.03 2.22 -1.26
C5' A3P P . -13.15 1.72 -0.54
C4' A3P P . -12.87 1.94 0.95
O4' A3P P . -12.65 3.31 1.21
C3' A3P P . -14.02 1.60 1.86
O3' A3P P . -14.13 0.20 2.10
C2' A3P P . -13.69 2.42 3.11
O2' A3P P . -13.07 1.63 4.13
C1' A3P P . -12.78 3.54 2.60
N9 A3P P . -13.40 4.85 2.84
C8 A3P P . -14.68 5.17 2.56
N7 A3P P . -14.98 6.44 2.92
C5 A3P P . -13.86 6.95 3.46
C6 A3P P . -13.49 8.23 4.07
N6 A3P P . -14.42 9.21 4.14
N1 A3P P . -12.21 8.38 4.51
C2 A3P P . -11.33 7.38 4.44
N3 A3P P . -11.59 6.16 3.92
C4 A3P P . -12.82 5.90 3.41
P1 A3P Q . -0.56 -17.28 3.57
O1P A3P Q . -0.82 -17.06 2.11
O2P A3P Q . 0.72 -18.04 3.82
O3P A3P Q . -0.77 -16.02 4.37
P2 A3P Q . -1.61 -23.38 1.46
O4P A3P Q . -0.73 -23.71 2.63
O5P A3P Q . -0.99 -23.71 0.11
O6P A3P Q . -3.06 -23.82 1.57
O5' A3P Q . -1.68 -21.76 1.49
C5' A3P Q . -2.93 -21.11 1.79
C4' A3P Q . -2.84 -19.75 2.45
O4' A3P Q . -4.18 -19.51 2.84
C3' A3P Q . -2.00 -19.64 3.74
O3' A3P Q . -1.74 -18.27 4.12
C2' A3P Q . -2.97 -20.28 4.71
O2' A3P Q . -2.73 -19.95 6.07
C1' A3P Q . -4.30 -19.69 4.25
N9 A3P Q . -5.44 -20.56 4.58
C8 A3P Q . -5.52 -21.90 4.48
N7 A3P Q . -6.74 -22.32 4.90
C5 A3P Q . -7.45 -21.23 5.28
C6 A3P Q . -8.79 -20.95 5.85
N6 A3P Q . -9.67 -21.95 6.08
N1 A3P Q . -9.12 -19.66 6.11
C2 A3P Q . -8.26 -18.66 5.89
N3 A3P Q . -7.03 -18.85 5.41
C4 A3P Q . -6.58 -20.08 5.08
MG MG R . -10.32 3.67 -5.08
MG MG S . 5.36 1.59 -13.11
CL CL T . -13.18 9.04 -2.82
MG MG U . -14.68 4.80 -2.63
CL CL V . -10.24 0.36 -10.39
P1 A3P W . -16.16 3.74 -5.70
O1P A3P W . -15.65 2.55 -6.50
O2P A3P W . -17.40 3.46 -4.90
O3P A3P W . -15.08 4.50 -4.91
P2 A3P W . -21.01 2.51 -9.55
O4P A3P W . -21.89 3.34 -8.65
O5P A3P W . -21.38 1.03 -9.54
O6P A3P W . -20.76 3.06 -10.96
O5' A3P W . -19.53 2.62 -8.86
C5' A3P W . -18.35 2.85 -9.64
C4' A3P W . -17.27 3.64 -8.91
O4' A3P W . -16.65 4.56 -9.83
C3' A3P W . -17.73 4.53 -7.74
O3' A3P W . -16.65 4.77 -6.83
C2' A3P W . -18.02 5.84 -8.41
O2' A3P W . -17.85 6.93 -7.51
C1' A3P W . -16.96 5.91 -9.49
N9 A3P W . -17.43 6.71 -10.63
C8 A3P W . -18.62 6.62 -11.24
N7 A3P W . -18.70 7.53 -12.25
C5 A3P W . -17.54 8.21 -12.29
C6 A3P W . -16.94 9.32 -13.09
N6 A3P W . -17.61 9.91 -14.12
N1 A3P W . -15.69 9.73 -12.75
C2 A3P W . -14.99 9.17 -11.75
N3 A3P W . -15.48 8.18 -11.00
C4 A3P W . -16.72 7.67 -11.20
P1 A3P X . 4.96 8.74 -11.91
O1P A3P X . 3.73 8.39 -12.70
O2P A3P X . 6.23 8.78 -12.71
O3P A3P X . 4.83 9.85 -10.89
P2 A3P X . 7.08 2.13 -10.26
O4P A3P X . 8.31 2.32 -11.11
O5P A3P X . 5.87 1.96 -11.14
O6P A3P X . 7.16 1.25 -9.02
O5' A3P X . 6.79 3.55 -9.59
C5' A3P X . 6.42 4.63 -10.42
C4' A3P X . 6.37 5.88 -9.55
O4' A3P X . 7.51 5.96 -8.74
C3' A3P X . 6.39 7.16 -10.33
O3' A3P X . 5.15 7.42 -10.99
C2' A3P X . 6.78 8.16 -9.25
O2' A3P X . 5.65 8.82 -8.65
C1' A3P X . 7.56 7.30 -8.26
N9 A3P X . 8.97 7.74 -8.19
C8 A3P X . 9.78 7.95 -9.26
N7 A3P X . 11.01 8.36 -8.88
C5 A3P X . 11.01 8.40 -7.54
C6 A3P X . 11.97 8.75 -6.50
N6 A3P X . 13.23 9.15 -6.84
N1 A3P X . 11.58 8.66 -5.22
C2 A3P X . 10.33 8.29 -4.89
N3 A3P X . 9.38 7.96 -5.78
C4 A3P X . 9.66 7.98 -7.10
#